data_3VVF
#
_entry.id   3VVF
#
_cell.length_a   68.935
_cell.length_b   68.838
_cell.length_c   104.596
_cell.angle_alpha   90.00
_cell.angle_beta   90.00
_cell.angle_gamma   90.00
#
_symmetry.space_group_name_H-M   'P 21 21 21'
#
loop_
_entity.id
_entity.type
_entity.pdbx_description
1 polymer 'Amino acid ABC transporter, binding protein'
2 non-polymer ARGININE
3 non-polymer 'SULFATE ION'
4 water water
#
_entity_poly.entity_id   1
_entity_poly.type   'polypeptide(L)'
_entity_poly.pdbx_seq_one_letter_code
;MKHHHHHHHHGGLVPRGSHGGSEFQVRSFEEIKRSGEIRIGTEGAFPPFNYFDERNQLTGFEVDLGNAIAERLGLKPRWI
AQSFDTLLIQLNQGRFDFVIASHGITEERARAVDFTNPHYCTGGVIVSRKGGPRTAKDLQGKVVGVQVGTTYMEAAQKIP
GIKEVRTYQRDPDALQDLLAGRIDTWITDRFVAKEAIKERKLENTLQVGELVFQERVAMAVAKGNKSLLDALNRALAELM
QDGTYARISQKWFGEDVRCK
;
_entity_poly.pdbx_strand_id   A,B
#
loop_
_chem_comp.id
_chem_comp.type
_chem_comp.name
_chem_comp.formula
SO4 non-polymer 'SULFATE ION' 'O4 S -2'
#
# COMPACT_ATOMS: atom_id res chain seq x y z
N GLY A 20 -7.22 9.71 12.61
CA GLY A 20 -6.65 10.18 13.90
C GLY A 20 -5.32 9.51 14.16
N GLY A 21 -4.88 8.67 13.22
CA GLY A 21 -3.62 7.96 13.37
C GLY A 21 -3.66 6.90 14.46
N SER A 22 -2.50 6.27 14.72
CA SER A 22 -2.39 5.25 15.76
C SER A 22 -0.93 4.96 16.09
N GLU A 23 -0.72 4.41 17.29
CA GLU A 23 0.59 3.93 17.69
C GLU A 23 0.91 2.58 17.02
N PHE A 24 1.96 2.58 16.18
CA PHE A 24 2.36 1.39 15.45
C PHE A 24 3.30 0.59 16.33
N GLN A 25 3.03 -0.69 16.51
CA GLN A 25 3.91 -1.53 17.31
C GLN A 25 3.66 -2.98 16.97
N VAL A 26 4.72 -3.79 16.88
CA VAL A 26 4.54 -5.22 16.76
C VAL A 26 4.43 -5.75 18.19
N ARG A 27 3.25 -6.24 18.55
CA ARG A 27 2.96 -6.53 19.96
C ARG A 27 2.92 -8.03 20.19
N SER A 28 3.59 -8.48 21.26
CA SER A 28 3.47 -9.86 21.74
C SER A 28 2.05 -10.13 22.23
N PHE A 29 1.71 -11.41 22.38
CA PHE A 29 0.40 -11.78 22.86
C PHE A 29 0.12 -11.15 24.23
N GLU A 30 1.12 -11.15 25.14
CA GLU A 30 0.86 -10.55 26.46
C GLU A 30 0.73 -9.04 26.40
N GLU A 31 1.44 -8.36 25.49
CA GLU A 31 1.25 -6.92 25.34
C GLU A 31 -0.19 -6.64 24.87
N ILE A 32 -0.71 -7.50 24.03
CA ILE A 32 -2.08 -7.33 23.52
C ILE A 32 -3.10 -7.57 24.65
N LYS A 33 -2.86 -8.64 25.40
CA LYS A 33 -3.70 -8.94 26.55
C LYS A 33 -3.75 -7.79 27.56
N ARG A 34 -2.63 -7.15 27.85
CA ARG A 34 -2.68 -6.00 28.77
C ARG A 34 -3.67 -4.92 28.26
N SER A 35 -3.62 -4.64 26.96
CA SER A 35 -4.47 -3.58 26.38
C SER A 35 -5.94 -3.97 26.33
N GLY A 36 -6.19 -5.26 26.25
CA GLY A 36 -7.54 -5.81 26.19
C GLY A 36 -8.21 -5.70 24.82
N GLU A 37 -7.49 -5.16 23.84
CA GLU A 37 -8.01 -5.06 22.45
C GLU A 37 -7.02 -5.64 21.45
N ILE A 38 -7.53 -6.27 20.39
CA ILE A 38 -6.67 -6.83 19.34
C ILE A 38 -7.01 -6.11 18.03
N ARG A 39 -5.97 -5.62 17.34
CA ARG A 39 -6.13 -4.86 16.10
C ARG A 39 -6.03 -5.79 14.87
N ILE A 40 -7.07 -5.82 14.03
CA ILE A 40 -7.13 -6.80 12.96
C ILE A 40 -7.21 -6.06 11.62
N GLY A 41 -6.24 -6.34 10.74
CA GLY A 41 -6.23 -5.72 9.41
C GLY A 41 -6.99 -6.55 8.39
N THR A 42 -7.82 -5.88 7.58
CA THR A 42 -8.46 -6.56 6.47
C THR A 42 -8.67 -5.60 5.29
N GLU A 43 -9.19 -6.11 4.16
CA GLU A 43 -9.41 -5.27 2.99
C GLU A 43 -10.82 -4.66 2.91
N GLY A 44 -11.86 -5.49 2.82
CA GLY A 44 -13.26 -4.98 2.66
C GLY A 44 -13.72 -4.80 1.22
N ALA A 45 -13.04 -5.48 0.30
CA ALA A 45 -13.47 -5.50 -1.12
C ALA A 45 -13.43 -6.89 -1.75
N PHE A 46 -13.74 -7.92 -0.96
CA PHE A 46 -13.60 -9.29 -1.42
C PHE A 46 -14.79 -10.12 -0.87
N PRO A 47 -16.03 -9.76 -1.26
CA PRO A 47 -17.21 -10.55 -0.83
C PRO A 47 -17.15 -11.98 -1.39
N PRO A 48 -17.60 -12.98 -0.62
CA PRO A 48 -18.22 -12.92 0.71
C PRO A 48 -17.23 -13.06 1.89
N PHE A 49 -15.94 -12.95 1.63
CA PHE A 49 -14.97 -13.16 2.71
C PHE A 49 -14.80 -11.94 3.62
N ASN A 50 -14.62 -10.76 3.01
CA ASN A 50 -14.41 -9.52 3.77
C ASN A 50 -14.81 -8.38 2.85
N TYR A 51 -15.85 -7.65 3.26
CA TYR A 51 -16.45 -6.65 2.40
C TYR A 51 -17.31 -5.66 3.24
N PHE A 52 -17.64 -4.52 2.65
CA PHE A 52 -18.59 -3.59 3.26
C PHE A 52 -19.98 -3.82 2.68
N ASP A 53 -20.95 -4.02 3.58
CA ASP A 53 -22.33 -4.37 3.16
C ASP A 53 -23.13 -3.15 2.69
N GLU A 54 -24.42 -3.36 2.41
CA GLU A 54 -25.28 -2.28 1.91
C GLU A 54 -25.59 -1.18 2.91
N ARG A 55 -25.26 -1.38 4.20
CA ARG A 55 -25.28 -0.23 5.14
C ARG A 55 -23.87 0.18 5.57
N ASN A 56 -22.91 -0.17 4.71
CA ASN A 56 -21.53 0.33 4.78
C ASN A 56 -20.79 -0.10 6.05
N GLN A 57 -21.06 -1.34 6.47
CA GLN A 57 -20.41 -1.94 7.62
C GLN A 57 -19.61 -3.17 7.22
N LEU A 58 -18.48 -3.39 7.89
CA LEU A 58 -17.57 -4.44 7.53
C LEU A 58 -18.13 -5.78 7.94
N THR A 59 -18.16 -6.74 7.02
CA THR A 59 -18.73 -8.06 7.32
C THR A 59 -18.11 -9.13 6.42
N GLY A 60 -18.56 -10.38 6.56
CA GLY A 60 -18.07 -11.45 5.71
C GLY A 60 -17.61 -12.62 6.54
N PHE A 61 -17.30 -13.73 5.89
CA PHE A 61 -16.91 -14.96 6.58
C PHE A 61 -15.70 -14.73 7.48
N GLU A 62 -14.70 -14.01 6.95
CA GLU A 62 -13.48 -13.75 7.71
C GLU A 62 -13.65 -12.75 8.85
N VAL A 63 -14.64 -11.87 8.74
CA VAL A 63 -14.95 -10.91 9.79
C VAL A 63 -15.63 -11.62 10.97
N ASP A 64 -16.61 -12.48 10.64
CA ASP A 64 -17.22 -13.35 11.64
C ASP A 64 -16.17 -14.24 12.31
N LEU A 65 -15.29 -14.81 11.50
CA LEU A 65 -14.25 -15.66 12.07
C LEU A 65 -13.22 -14.88 12.90
N GLY A 66 -12.78 -13.71 12.41
CA GLY A 66 -11.90 -12.81 13.17
C GLY A 66 -12.47 -12.40 14.53
N ASN A 67 -13.75 -12.00 14.52
CA ASN A 67 -14.46 -11.69 15.75
C ASN A 67 -14.49 -12.86 16.73
N ALA A 68 -14.72 -14.07 16.20
CA ALA A 68 -14.79 -15.30 17.00
C ALA A 68 -13.43 -15.65 17.60
N ILE A 69 -12.37 -15.46 16.82
CA ILE A 69 -11.00 -15.65 17.32
C ILE A 69 -10.68 -14.68 18.47
N ALA A 70 -10.97 -13.39 18.27
CA ALA A 70 -10.73 -12.36 19.27
C ALA A 70 -11.46 -12.69 20.58
N GLU A 71 -12.72 -13.07 20.44
CA GLU A 71 -13.54 -13.48 21.58
C GLU A 71 -12.97 -14.68 22.34
N ARG A 72 -12.48 -15.67 21.60
CA ARG A 72 -11.92 -16.86 22.20
C ARG A 72 -10.59 -16.54 22.96
N LEU A 73 -9.98 -15.41 22.61
CA LEU A 73 -8.76 -14.97 23.30
C LEU A 73 -9.06 -13.97 24.41
N GLY A 74 -10.34 -13.71 24.65
CA GLY A 74 -10.79 -12.74 25.65
C GLY A 74 -10.51 -11.30 25.29
N LEU A 75 -10.54 -10.99 23.99
CA LEU A 75 -10.11 -9.67 23.48
C LEU A 75 -11.19 -8.97 22.65
N LYS A 76 -11.30 -7.65 22.82
CA LYS A 76 -12.16 -6.82 22.01
C LYS A 76 -11.49 -6.58 20.65
N PRO A 77 -12.19 -6.91 19.54
CA PRO A 77 -11.62 -6.68 18.21
C PRO A 77 -11.74 -5.22 17.74
N ARG A 78 -10.67 -4.70 17.15
CA ARG A 78 -10.68 -3.38 16.52
C ARG A 78 -10.29 -3.56 15.05
N TRP A 79 -11.19 -3.27 14.13
CA TRP A 79 -10.93 -3.59 12.72
C TRP A 79 -10.39 -2.39 11.98
N ILE A 80 -9.42 -2.66 11.10
CA ILE A 80 -8.81 -1.64 10.26
C ILE A 80 -8.85 -2.09 8.79
N ALA A 81 -9.60 -1.38 7.95
CA ALA A 81 -9.72 -1.76 6.53
C ALA A 81 -8.76 -0.90 5.70
N GLN A 82 -8.04 -1.54 4.79
CA GLN A 82 -7.12 -0.81 3.90
C GLN A 82 -6.85 -1.63 2.66
N SER A 83 -6.22 -1.01 1.70
CA SER A 83 -6.04 -1.63 0.39
C SER A 83 -5.24 -2.95 0.55
N PHE A 84 -5.60 -3.94 -0.25
CA PHE A 84 -5.00 -5.28 -0.20
C PHE A 84 -3.47 -5.25 -0.28
N ASP A 85 -2.92 -4.49 -1.21
CA ASP A 85 -1.50 -4.55 -1.50
C ASP A 85 -0.68 -3.98 -0.33
N THR A 86 -1.33 -3.21 0.54
CA THR A 86 -0.70 -2.56 1.70
C THR A 86 -0.64 -3.49 2.95
N LEU A 87 -1.49 -4.51 2.99
CA LEU A 87 -1.76 -5.21 4.27
C LEU A 87 -0.54 -5.81 4.96
N LEU A 88 0.29 -6.52 4.21
CA LEU A 88 1.39 -7.26 4.83
C LEU A 88 2.54 -6.30 5.20
N ILE A 89 2.68 -5.20 4.46
CA ILE A 89 3.63 -4.13 4.80
C ILE A 89 3.23 -3.45 6.12
N GLN A 90 1.98 -3.02 6.24
CA GLN A 90 1.57 -2.34 7.48
C GLN A 90 1.48 -3.31 8.67
N LEU A 91 1.30 -4.60 8.41
CA LEU A 91 1.38 -5.62 9.49
C LEU A 91 2.77 -5.64 10.11
N ASN A 92 3.79 -5.73 9.25
CA ASN A 92 5.20 -5.70 9.70
C ASN A 92 5.58 -4.34 10.30
N GLN A 93 4.93 -3.27 9.85
CA GLN A 93 5.17 -1.94 10.44
C GLN A 93 4.53 -1.75 11.80
N GLY A 94 3.51 -2.55 12.11
CA GLY A 94 2.87 -2.53 13.43
C GLY A 94 1.52 -1.85 13.48
N ARG A 95 0.88 -1.67 12.32
CA ARG A 95 -0.45 -1.02 12.29
C ARG A 95 -1.49 -1.91 12.95
N PHE A 96 -1.36 -3.22 12.76
CA PHE A 96 -2.28 -4.15 13.39
C PHE A 96 -1.54 -5.36 13.92
N ASP A 97 -2.25 -6.17 14.72
CA ASP A 97 -1.64 -7.37 15.32
C ASP A 97 -1.71 -8.58 14.40
N PHE A 98 -2.85 -8.80 13.75
CA PHE A 98 -2.91 -9.80 12.68
C PHE A 98 -3.76 -9.35 11.47
N VAL A 99 -3.58 -10.05 10.35
CA VAL A 99 -4.35 -9.79 9.12
C VAL A 99 -5.14 -11.05 8.78
N ILE A 100 -6.41 -10.84 8.44
CA ILE A 100 -7.26 -11.90 7.94
C ILE A 100 -8.01 -11.30 6.73
N ALA A 101 -7.57 -11.71 5.54
CA ALA A 101 -7.96 -11.00 4.31
C ALA A 101 -7.70 -11.94 3.12
N SER A 102 -7.87 -13.23 3.35
CA SER A 102 -7.88 -14.26 2.29
C SER A 102 -6.52 -14.53 1.62
N HIS A 103 -5.41 -14.39 2.37
CA HIS A 103 -4.09 -14.68 1.80
C HIS A 103 -3.86 -16.17 1.71
N GLY A 104 -3.67 -16.66 0.50
CA GLY A 104 -3.10 -18.01 0.31
C GLY A 104 -1.68 -18.05 0.83
N ILE A 105 -1.33 -19.17 1.49
CA ILE A 105 0.08 -19.42 1.94
C ILE A 105 0.96 -19.70 0.71
N THR A 106 2.04 -18.94 0.57
CA THR A 106 3.00 -19.10 -0.51
C THR A 106 4.41 -18.91 0.09
N GLU A 107 5.42 -19.47 -0.57
CA GLU A 107 6.78 -19.36 -0.08
C GLU A 107 7.24 -17.92 -0.03
N GLU A 108 6.91 -17.15 -1.07
CA GLU A 108 7.32 -15.75 -1.11
C GLU A 108 6.74 -14.91 0.03
N ARG A 109 5.44 -15.06 0.31
CA ARG A 109 4.84 -14.30 1.41
C ARG A 109 5.40 -14.75 2.77
N ALA A 110 5.68 -16.06 2.91
CA ALA A 110 6.19 -16.61 4.20
C ALA A 110 7.60 -16.08 4.52
N ARG A 111 8.29 -15.53 3.53
CA ARG A 111 9.56 -14.81 3.74
C ARG A 111 9.32 -13.53 4.56
N ALA A 112 8.16 -12.92 4.37
CA ALA A 112 7.83 -11.61 4.94
C ALA A 112 6.96 -11.69 6.21
N VAL A 113 6.05 -12.66 6.26
CA VAL A 113 5.13 -12.83 7.41
C VAL A 113 5.10 -14.29 7.90
N ASP A 114 4.54 -14.52 9.09
CA ASP A 114 4.30 -15.88 9.60
C ASP A 114 2.81 -16.22 9.47
N PHE A 115 2.49 -17.29 8.74
CA PHE A 115 1.08 -17.70 8.60
C PHE A 115 0.65 -18.66 9.72
N THR A 116 -0.62 -18.57 10.11
CA THR A 116 -1.22 -19.54 11.02
C THR A 116 -1.57 -20.80 10.21
N ASN A 117 -2.07 -21.81 10.91
CA ASN A 117 -2.79 -22.90 10.23
C ASN A 117 -3.94 -22.29 9.44
N PRO A 118 -4.29 -22.87 8.27
CA PRO A 118 -5.27 -22.25 7.37
C PRO A 118 -6.70 -22.28 7.90
N HIS A 119 -7.43 -21.19 7.68
CA HIS A 119 -8.82 -21.13 8.05
C HIS A 119 -9.78 -21.50 6.96
N TYR A 120 -9.31 -21.69 5.72
CA TYR A 120 -10.14 -22.33 4.69
C TYR A 120 -9.28 -22.76 3.52
N CYS A 121 -9.81 -23.66 2.69
CA CYS A 121 -9.11 -24.11 1.49
C CYS A 121 -9.95 -23.74 0.29
N THR A 122 -9.27 -23.44 -0.81
CA THR A 122 -9.93 -22.90 -1.97
C THR A 122 -9.04 -23.09 -3.21
N GLY A 123 -9.40 -22.42 -4.30
CA GLY A 123 -8.52 -22.36 -5.44
C GLY A 123 -8.94 -21.25 -6.39
N GLY A 124 -8.10 -21.00 -7.39
CA GLY A 124 -8.34 -19.94 -8.37
C GLY A 124 -8.93 -20.51 -9.64
N VAL A 125 -9.91 -19.79 -10.20
CA VAL A 125 -10.63 -20.25 -11.40
C VAL A 125 -10.60 -19.20 -12.51
N ILE A 126 -10.63 -19.67 -13.75
CA ILE A 126 -10.83 -18.85 -14.92
C ILE A 126 -12.33 -18.55 -15.05
N VAL A 127 -12.70 -17.27 -15.15
CA VAL A 127 -14.11 -16.90 -15.38
C VAL A 127 -14.18 -16.08 -16.65
N SER A 128 -15.07 -16.47 -17.56
CA SER A 128 -15.18 -15.79 -18.85
C SER A 128 -16.66 -15.60 -19.13
N ARG A 129 -16.98 -14.80 -20.17
CA ARG A 129 -18.37 -14.79 -20.66
C ARG A 129 -18.65 -16.13 -21.37
N LYS A 130 -19.93 -16.52 -21.49
CA LYS A 130 -20.30 -17.76 -22.22
C LYS A 130 -19.61 -17.86 -23.58
N GLY A 131 -19.08 -19.04 -23.87
CA GLY A 131 -18.28 -19.29 -25.08
C GLY A 131 -16.84 -18.79 -25.02
N GLY A 132 -16.45 -18.11 -23.95
CA GLY A 132 -15.11 -17.55 -23.84
C GLY A 132 -14.11 -18.60 -23.38
N PRO A 133 -12.85 -18.18 -23.09
CA PRO A 133 -11.83 -19.17 -22.72
C PRO A 133 -12.21 -19.94 -21.46
N ARG A 134 -11.98 -21.25 -21.50
CA ARG A 134 -12.31 -22.14 -20.41
C ARG A 134 -11.05 -22.59 -19.63
N THR A 135 -9.95 -22.78 -20.34
CA THR A 135 -8.74 -23.34 -19.72
C THR A 135 -7.54 -22.43 -19.99
N ALA A 136 -6.44 -22.68 -19.28
CA ALA A 136 -5.25 -21.84 -19.39
C ALA A 136 -4.70 -21.75 -20.81
N LYS A 137 -4.64 -22.89 -21.52
CA LYS A 137 -4.13 -22.91 -22.91
C LYS A 137 -4.95 -22.02 -23.86
N ASP A 138 -6.22 -21.77 -23.54
CA ASP A 138 -7.09 -20.87 -24.34
C ASP A 138 -6.80 -19.38 -24.13
N LEU A 139 -5.93 -19.05 -23.17
CA LEU A 139 -5.66 -17.64 -22.88
C LEU A 139 -4.59 -17.00 -23.77
N GLN A 140 -3.92 -17.80 -24.61
CA GLN A 140 -2.99 -17.25 -25.63
C GLN A 140 -3.68 -16.15 -26.42
N GLY A 141 -3.03 -14.99 -26.55
CA GLY A 141 -3.61 -13.84 -27.25
C GLY A 141 -4.80 -13.11 -26.60
N LYS A 142 -5.19 -13.46 -25.37
CA LYS A 142 -6.37 -12.84 -24.73
C LYS A 142 -6.03 -11.75 -23.70
N VAL A 143 -7.04 -11.00 -23.25
CA VAL A 143 -6.84 -9.97 -22.21
C VAL A 143 -7.39 -10.53 -20.91
N VAL A 144 -6.55 -10.58 -19.88
CA VAL A 144 -6.90 -11.28 -18.64
C VAL A 144 -6.79 -10.31 -17.47
N GLY A 145 -7.83 -10.26 -16.63
CA GLY A 145 -7.93 -9.29 -15.53
C GLY A 145 -7.68 -9.98 -14.18
N VAL A 146 -6.83 -9.36 -13.35
CA VAL A 146 -6.45 -9.93 -12.04
C VAL A 146 -6.27 -8.80 -11.00
N GLN A 147 -6.46 -9.13 -9.73
CA GLN A 147 -6.13 -8.18 -8.63
C GLN A 147 -4.62 -8.16 -8.31
N VAL A 148 -4.12 -6.96 -8.06
CA VAL A 148 -2.71 -6.75 -7.74
C VAL A 148 -2.29 -7.54 -6.50
N GLY A 149 -1.08 -8.09 -6.53
CA GLY A 149 -0.46 -8.76 -5.40
C GLY A 149 -1.04 -10.13 -5.04
N THR A 150 -1.85 -10.69 -5.95
CA THR A 150 -2.56 -11.92 -5.65
C THR A 150 -1.91 -13.16 -6.27
N THR A 151 -2.32 -14.30 -5.77
CA THR A 151 -1.95 -15.57 -6.40
C THR A 151 -2.59 -15.68 -7.79
N TYR A 152 -3.66 -14.90 -8.06
CA TYR A 152 -4.25 -14.86 -9.41
C TYR A 152 -3.31 -14.14 -10.38
N MET A 153 -2.76 -13.01 -9.95
CA MET A 153 -1.75 -12.30 -10.75
C MET A 153 -0.55 -13.21 -11.03
N GLU A 154 -0.11 -13.92 -10.01
CA GLU A 154 1.02 -14.85 -10.17
C GLU A 154 0.71 -15.94 -11.21
N ALA A 155 -0.50 -16.49 -11.16
CA ALA A 155 -0.91 -17.50 -12.14
C ALA A 155 -0.90 -16.92 -13.55
N ALA A 156 -1.42 -15.69 -13.70
CA ALA A 156 -1.47 -15.03 -15.01
C ALA A 156 -0.07 -14.78 -15.55
N GLN A 157 0.86 -14.41 -14.66
CA GLN A 157 2.28 -14.27 -15.02
C GLN A 157 2.92 -15.61 -15.42
N LYS A 158 2.29 -16.72 -15.05
CA LYS A 158 2.76 -18.05 -15.46
C LYS A 158 1.98 -18.58 -16.68
N ILE A 159 1.18 -17.74 -17.33
CA ILE A 159 0.48 -18.12 -18.57
C ILE A 159 0.95 -17.05 -19.59
N PRO A 160 2.22 -17.13 -19.99
CA PRO A 160 2.75 -15.90 -20.62
C PRO A 160 2.39 -15.64 -22.09
N GLY A 161 1.57 -16.51 -22.68
CA GLY A 161 0.98 -16.27 -24.02
C GLY A 161 -0.17 -15.29 -23.97
N ILE A 162 -0.64 -14.98 -22.76
CA ILE A 162 -1.60 -13.86 -22.59
C ILE A 162 -1.13 -12.59 -23.31
N LYS A 163 -2.03 -11.99 -24.07
CA LYS A 163 -1.69 -10.74 -24.77
C LYS A 163 -1.44 -9.60 -23.78
N GLU A 164 -2.35 -9.46 -22.82
CA GLU A 164 -2.24 -8.42 -21.82
C GLU A 164 -2.87 -8.87 -20.50
N VAL A 165 -2.06 -8.88 -19.43
CA VAL A 165 -2.59 -9.03 -18.06
C VAL A 165 -2.92 -7.63 -17.52
N ARG A 166 -4.22 -7.35 -17.34
CA ARG A 166 -4.67 -6.08 -16.80
C ARG A 166 -4.80 -6.25 -15.28
N THR A 167 -4.03 -5.49 -14.51
CA THR A 167 -4.01 -5.62 -13.04
C THR A 167 -4.85 -4.51 -12.34
N TYR A 168 -5.72 -4.90 -11.39
CA TYR A 168 -6.65 -3.98 -10.72
C TYR A 168 -6.34 -3.86 -9.22
N GLN A 169 -6.57 -2.68 -8.63
CA GLN A 169 -6.34 -2.53 -7.18
C GLN A 169 -7.35 -3.31 -6.35
N ARG A 170 -8.55 -3.46 -6.91
CA ARG A 170 -9.67 -4.11 -6.26
C ARG A 170 -10.26 -5.18 -7.18
N ASP A 171 -10.42 -6.41 -6.67
CA ASP A 171 -10.98 -7.52 -7.46
C ASP A 171 -12.34 -7.25 -8.16
N PRO A 172 -13.31 -6.60 -7.47
CA PRO A 172 -14.61 -6.43 -8.17
C PRO A 172 -14.55 -5.56 -9.42
N ASP A 173 -13.49 -4.75 -9.56
CA ASP A 173 -13.30 -3.92 -10.73
C ASP A 173 -12.94 -4.75 -11.95
N ALA A 174 -12.30 -5.90 -11.71
CA ALA A 174 -11.98 -6.79 -12.83
C ALA A 174 -13.26 -7.40 -13.36
N LEU A 175 -14.15 -7.80 -12.46
CA LEU A 175 -15.47 -8.31 -12.84
C LEU A 175 -16.27 -7.30 -13.67
N GLN A 176 -16.22 -6.03 -13.26
CA GLN A 176 -16.95 -4.98 -13.99
C GLN A 176 -16.45 -4.95 -15.43
N ASP A 177 -15.13 -5.04 -15.61
CA ASP A 177 -14.52 -5.00 -16.94
C ASP A 177 -14.80 -6.23 -17.76
N LEU A 178 -14.92 -7.39 -17.09
CA LEU A 178 -15.35 -8.62 -17.78
C LEU A 178 -16.77 -8.45 -18.36
N LEU A 179 -17.71 -7.99 -17.52
CA LEU A 179 -19.11 -7.77 -17.96
C LEU A 179 -19.22 -6.73 -19.08
N ALA A 180 -18.35 -5.73 -19.05
CA ALA A 180 -18.33 -4.63 -20.03
C ALA A 180 -17.63 -5.01 -21.34
N GLY A 181 -16.97 -6.16 -21.38
CA GLY A 181 -16.27 -6.60 -22.58
C GLY A 181 -14.86 -6.03 -22.70
N ARG A 182 -14.37 -5.34 -21.66
CA ARG A 182 -13.01 -4.79 -21.71
C ARG A 182 -11.91 -5.84 -21.48
N ILE A 183 -12.25 -6.97 -20.85
CA ILE A 183 -11.32 -8.13 -20.75
C ILE A 183 -12.04 -9.40 -21.20
N ASP A 184 -11.27 -10.41 -21.62
CA ASP A 184 -11.79 -11.71 -21.97
C ASP A 184 -12.05 -12.65 -20.78
N THR A 185 -11.25 -12.50 -19.74
CA THR A 185 -11.21 -13.47 -18.66
C THR A 185 -10.79 -12.82 -17.35
N TRP A 186 -11.44 -13.23 -16.25
CA TRP A 186 -11.12 -12.81 -14.88
C TRP A 186 -10.61 -14.03 -14.14
N ILE A 187 -9.46 -13.95 -13.48
CA ILE A 187 -9.00 -15.09 -12.67
C ILE A 187 -9.20 -14.70 -11.20
N THR A 188 -9.97 -15.49 -10.45
CA THR A 188 -10.31 -15.08 -9.07
C THR A 188 -10.63 -16.30 -8.19
N ASP A 189 -10.98 -16.08 -6.92
CA ASP A 189 -11.31 -17.18 -6.01
C ASP A 189 -12.59 -17.90 -6.47
N ARG A 190 -12.61 -19.23 -6.32
CA ARG A 190 -13.73 -20.05 -6.77
C ARG A 190 -15.05 -19.69 -6.04
N PHE A 191 -14.98 -19.46 -4.72
CA PHE A 191 -16.16 -19.03 -3.94
C PHE A 191 -16.60 -17.61 -4.28
N VAL A 192 -15.63 -16.70 -4.47
CA VAL A 192 -15.93 -15.32 -4.95
C VAL A 192 -16.64 -15.34 -6.31
N ALA A 193 -16.12 -16.10 -7.28
CA ALA A 193 -16.77 -16.24 -8.60
C ALA A 193 -18.19 -16.81 -8.46
N LYS A 194 -18.35 -17.90 -7.71
CA LYS A 194 -19.68 -18.54 -7.55
C LYS A 194 -20.72 -17.60 -6.96
N GLU A 195 -20.33 -16.87 -5.93
CA GLU A 195 -21.24 -15.92 -5.30
C GLU A 195 -21.55 -14.69 -6.15
N ALA A 196 -20.54 -14.14 -6.84
CA ALA A 196 -20.81 -12.99 -7.73
C ALA A 196 -21.82 -13.39 -8.81
N ILE A 197 -21.71 -14.62 -9.31
CA ILE A 197 -22.63 -15.12 -10.33
C ILE A 197 -24.05 -15.29 -9.78
N LYS A 198 -24.18 -15.88 -8.58
CA LYS A 198 -25.50 -15.98 -7.91
C LYS A 198 -26.04 -14.59 -7.61
N GLU A 199 -25.18 -13.76 -7.02
CA GLU A 199 -25.60 -12.46 -6.53
C GLU A 199 -26.08 -11.53 -7.65
N ARG A 200 -25.47 -11.62 -8.84
CA ARG A 200 -25.82 -10.71 -9.93
C ARG A 200 -26.74 -11.39 -10.96
N LYS A 201 -27.15 -12.63 -10.67
CA LYS A 201 -27.92 -13.48 -11.60
C LYS A 201 -27.25 -13.62 -12.97
N LEU A 202 -26.00 -14.06 -12.96
CA LEU A 202 -25.20 -14.12 -14.19
C LEU A 202 -25.03 -15.54 -14.73
N GLU A 203 -25.90 -16.45 -14.31
CA GLU A 203 -25.77 -17.87 -14.69
C GLU A 203 -25.77 -18.09 -16.21
N ASN A 204 -26.48 -17.23 -16.94
CA ASN A 204 -26.55 -17.30 -18.40
C ASN A 204 -25.61 -16.32 -19.11
N THR A 205 -24.76 -15.64 -18.34
CA THR A 205 -23.88 -14.62 -18.88
C THR A 205 -22.41 -15.05 -18.76
N LEU A 206 -22.04 -15.55 -17.58
CA LEU A 206 -20.65 -15.94 -17.29
C LEU A 206 -20.52 -17.43 -17.15
N GLN A 207 -19.28 -17.90 -17.20
CA GLN A 207 -18.98 -19.32 -17.30
C GLN A 207 -17.72 -19.55 -16.48
N VAL A 208 -17.80 -20.38 -15.44
CA VAL A 208 -16.62 -20.76 -14.65
C VAL A 208 -15.93 -21.92 -15.33
N GLY A 209 -14.64 -21.74 -15.62
CA GLY A 209 -13.82 -22.77 -16.25
C GLY A 209 -12.88 -23.48 -15.32
N GLU A 210 -11.64 -23.62 -15.76
CA GLU A 210 -10.65 -24.48 -15.12
C GLU A 210 -10.30 -23.97 -13.72
N LEU A 211 -10.14 -24.90 -12.79
CA LEU A 211 -9.48 -24.63 -11.51
C LEU A 211 -7.97 -24.66 -11.80
N VAL A 212 -7.35 -23.48 -11.84
CA VAL A 212 -5.94 -23.34 -12.25
C VAL A 212 -4.98 -23.79 -11.16
N PHE A 213 -5.34 -23.56 -9.89
CA PHE A 213 -4.48 -23.94 -8.76
C PHE A 213 -5.36 -24.01 -7.52
N GLN A 214 -4.88 -24.74 -6.53
CA GLN A 214 -5.50 -24.75 -5.19
C GLN A 214 -4.57 -24.06 -4.22
N GLU A 215 -5.12 -23.59 -3.09
CA GLU A 215 -4.33 -22.90 -2.06
C GLU A 215 -5.00 -23.04 -0.68
N ARG A 216 -4.16 -23.00 0.35
CA ARG A 216 -4.61 -23.00 1.75
C ARG A 216 -4.55 -21.53 2.19
N VAL A 217 -5.60 -21.02 2.84
CA VAL A 217 -5.71 -19.58 3.17
C VAL A 217 -5.63 -19.41 4.69
N ALA A 218 -4.81 -18.44 5.12
CA ALA A 218 -4.43 -18.32 6.52
C ALA A 218 -4.36 -16.86 6.98
N MET A 219 -4.48 -16.68 8.28
CA MET A 219 -4.16 -15.41 8.93
C MET A 219 -2.64 -15.21 8.93
N ALA A 220 -2.20 -13.94 9.02
CA ALA A 220 -0.76 -13.64 9.14
C ALA A 220 -0.42 -12.73 10.31
N VAL A 221 0.74 -12.97 10.92
CA VAL A 221 1.28 -12.07 11.93
C VAL A 221 2.64 -11.52 11.45
N ALA A 222 3.08 -10.44 12.09
CA ALA A 222 4.38 -9.90 11.73
C ALA A 222 5.43 -11.01 11.87
N LYS A 223 6.41 -10.96 10.98
CA LYS A 223 7.52 -11.91 11.01
C LYS A 223 8.18 -11.98 12.40
N GLY A 224 8.34 -13.19 12.93
CA GLY A 224 8.92 -13.36 14.27
C GLY A 224 7.94 -13.22 15.45
N ASN A 225 6.68 -12.87 15.19
CA ASN A 225 5.73 -12.71 16.29
C ASN A 225 5.13 -14.06 16.71
N LYS A 226 5.97 -14.90 17.28
CA LYS A 226 5.62 -16.29 17.58
C LYS A 226 4.57 -16.43 18.68
N SER A 227 4.57 -15.55 19.69
CA SER A 227 3.61 -15.69 20.78
C SER A 227 2.19 -15.48 20.26
N LEU A 228 2.02 -14.45 19.43
CA LEU A 228 0.69 -14.23 18.85
C LEU A 228 0.33 -15.35 17.87
N LEU A 229 1.30 -15.77 17.05
CA LEU A 229 1.07 -16.89 16.12
C LEU A 229 0.49 -18.13 16.84
N ASP A 230 1.12 -18.50 17.96
CA ASP A 230 0.69 -19.67 18.73
C ASP A 230 -0.68 -19.51 19.34
N ALA A 231 -0.96 -18.32 19.87
CA ALA A 231 -2.26 -17.99 20.42
C ALA A 231 -3.40 -18.04 19.37
N LEU A 232 -3.15 -17.46 18.19
CA LEU A 232 -4.13 -17.59 17.07
C LEU A 232 -4.38 -19.03 16.65
N ASN A 233 -3.32 -19.83 16.54
CA ASN A 233 -3.45 -21.26 16.20
C ASN A 233 -4.27 -22.02 17.24
N ARG A 234 -4.03 -21.75 18.51
CA ARG A 234 -4.82 -22.34 19.61
C ARG A 234 -6.29 -21.96 19.51
N ALA A 235 -6.58 -20.67 19.31
CA ALA A 235 -7.94 -20.20 19.17
C ALA A 235 -8.66 -20.84 17.97
N LEU A 236 -7.97 -20.88 16.83
CA LEU A 236 -8.52 -21.50 15.62
C LEU A 236 -8.90 -22.98 15.81
N ALA A 237 -7.97 -23.75 16.40
CA ALA A 237 -8.23 -25.15 16.67
C ALA A 237 -9.42 -25.29 17.62
N GLU A 238 -9.52 -24.39 18.61
CA GLU A 238 -10.65 -24.39 19.55
C GLU A 238 -12.00 -24.16 18.82
N LEU A 239 -12.04 -23.16 17.93
CA LEU A 239 -13.26 -22.92 17.12
C LEU A 239 -13.61 -24.12 16.24
N MET A 240 -12.60 -24.80 15.73
CA MET A 240 -12.82 -25.96 14.86
C MET A 240 -13.34 -27.18 15.62
N GLN A 241 -12.94 -27.33 16.88
CA GLN A 241 -13.43 -28.44 17.71
C GLN A 241 -14.76 -28.17 18.44
N ASP A 242 -15.04 -26.92 18.80
CA ASP A 242 -16.22 -26.57 19.61
C ASP A 242 -17.48 -26.21 18.81
N GLY A 243 -17.45 -26.46 17.49
CA GLY A 243 -18.57 -26.20 16.58
C GLY A 243 -18.77 -24.78 16.03
N THR A 244 -18.00 -23.80 16.54
CA THR A 244 -18.20 -22.39 16.18
C THR A 244 -17.76 -22.15 14.73
N TYR A 245 -16.61 -22.71 14.37
CA TYR A 245 -16.16 -22.65 12.97
C TYR A 245 -17.23 -23.25 12.04
N ALA A 246 -17.69 -24.46 12.36
CA ALA A 246 -18.70 -25.13 11.54
C ALA A 246 -19.95 -24.28 11.35
N ARG A 247 -20.38 -23.59 12.42
CA ARG A 247 -21.56 -22.72 12.39
C ARG A 247 -21.35 -21.51 11.46
N ILE A 248 -20.17 -20.89 11.54
CA ILE A 248 -19.85 -19.70 10.75
C ILE A 248 -19.67 -20.09 9.26
N SER A 249 -19.07 -21.23 9.01
CA SER A 249 -18.93 -21.75 7.64
C SER A 249 -20.33 -22.07 7.04
N GLN A 250 -21.20 -22.70 7.82
CA GLN A 250 -22.58 -22.97 7.36
C GLN A 250 -23.32 -21.69 7.01
N LYS A 251 -23.18 -20.69 7.87
CA LYS A 251 -23.86 -19.42 7.71
C LYS A 251 -23.47 -18.79 6.36
N TRP A 252 -22.18 -18.83 6.05
CA TRP A 252 -21.68 -18.14 4.84
C TRP A 252 -21.79 -18.95 3.59
N PHE A 253 -21.64 -20.27 3.69
CA PHE A 253 -21.48 -21.11 2.50
C PHE A 253 -22.43 -22.30 2.39
N GLY A 254 -23.16 -22.60 3.45
CA GLY A 254 -24.02 -23.79 3.51
C GLY A 254 -23.25 -25.10 3.47
N GLU A 255 -21.95 -25.04 3.77
CA GLU A 255 -21.09 -26.24 3.80
C GLU A 255 -19.85 -25.94 4.64
N ASP A 256 -19.08 -26.97 4.98
CA ASP A 256 -17.83 -26.77 5.75
C ASP A 256 -16.65 -26.53 4.80
N VAL A 257 -16.01 -25.36 4.91
CA VAL A 257 -14.95 -25.00 3.95
C VAL A 257 -13.49 -25.22 4.45
N ARG A 258 -13.33 -25.92 5.57
CA ARG A 258 -12.01 -26.19 6.15
C ARG A 258 -11.15 -27.11 5.28
N CYS A 259 -9.83 -26.94 5.38
CA CYS A 259 -8.87 -27.79 4.67
C CYS A 259 -8.96 -29.22 5.16
N LYS A 260 -8.78 -30.15 4.22
CA LYS A 260 -8.60 -31.61 4.44
C LYS A 260 -9.67 -32.25 5.29
N GLY B 20 -10.48 0.43 -13.48
CA GLY B 20 -9.74 0.51 -14.77
C GLY B 20 -8.59 -0.48 -14.96
N GLY B 21 -7.74 -0.61 -13.95
CA GLY B 21 -6.54 -1.49 -14.06
C GLY B 21 -5.49 -0.99 -15.05
N SER B 22 -4.32 -1.63 -15.03
CA SER B 22 -3.25 -1.36 -16.00
C SER B 22 -2.30 -2.56 -16.14
N GLU B 23 -1.48 -2.56 -17.19
CA GLU B 23 -0.47 -3.60 -17.35
C GLU B 23 0.74 -3.33 -16.45
N PHE B 24 1.06 -4.30 -15.60
CA PHE B 24 2.24 -4.22 -14.73
C PHE B 24 3.43 -4.89 -15.37
N GLN B 25 4.51 -4.14 -15.55
CA GLN B 25 5.74 -4.73 -16.09
C GLN B 25 6.93 -3.90 -15.67
N VAL B 26 8.03 -4.55 -15.33
CA VAL B 26 9.27 -3.84 -15.07
C VAL B 26 9.92 -3.71 -16.45
N ARG B 27 10.00 -2.47 -16.95
CA ARG B 27 10.41 -2.25 -18.35
C ARG B 27 11.81 -1.63 -18.43
N SER B 28 12.64 -2.20 -19.32
CA SER B 28 13.92 -1.61 -19.69
C SER B 28 13.69 -0.33 -20.46
N PHE B 29 14.74 0.49 -20.52
CA PHE B 29 14.62 1.73 -21.26
C PHE B 29 14.27 1.53 -22.74
N GLU B 30 14.80 0.47 -23.36
CA GLU B 30 14.49 0.15 -24.78
C GLU B 30 12.97 -0.04 -24.99
N GLU B 31 12.34 -0.78 -24.08
CA GLU B 31 10.89 -1.03 -24.17
C GLU B 31 10.09 0.26 -23.94
N ILE B 32 10.47 1.03 -22.92
CA ILE B 32 9.84 2.34 -22.66
C ILE B 32 9.89 3.25 -23.91
N LYS B 33 11.08 3.38 -24.48
CA LYS B 33 11.29 4.19 -25.68
C LYS B 33 10.44 3.70 -26.85
N ARG B 34 10.44 2.38 -27.12
CA ARG B 34 9.58 1.82 -28.18
C ARG B 34 8.11 2.22 -27.98
N SER B 35 7.63 2.20 -26.73
CA SER B 35 6.24 2.56 -26.40
C SER B 35 5.93 4.06 -26.51
N GLY B 36 6.95 4.91 -26.37
CA GLY B 36 6.78 6.35 -26.43
C GLY B 36 6.18 7.00 -25.19
N GLU B 37 5.90 6.22 -24.14
CA GLU B 37 5.34 6.73 -22.88
C GLU B 37 6.09 6.20 -21.65
N ILE B 38 6.12 7.02 -20.59
CA ILE B 38 6.76 6.62 -19.34
C ILE B 38 5.75 6.79 -18.20
N ARG B 39 5.64 5.76 -17.37
CA ARG B 39 4.66 5.70 -16.30
C ARG B 39 5.34 6.12 -15.02
N ILE B 40 4.78 7.14 -14.36
CA ILE B 40 5.45 7.71 -13.19
C ILE B 40 4.53 7.60 -11.96
N GLY B 41 5.04 6.98 -10.90
CA GLY B 41 4.27 6.83 -9.65
C GLY B 41 4.56 7.96 -8.65
N THR B 42 3.52 8.51 -8.04
CA THR B 42 3.72 9.52 -6.95
C THR B 42 2.58 9.41 -5.94
N GLU B 43 2.61 10.20 -4.88
CA GLU B 43 1.56 10.12 -3.86
C GLU B 43 0.42 11.13 -4.09
N GLY B 44 0.79 12.41 -4.10
CA GLY B 44 -0.20 13.48 -4.31
C GLY B 44 -0.77 14.03 -3.02
N ALA B 45 -0.04 13.86 -1.91
CA ALA B 45 -0.51 14.45 -0.63
C ALA B 45 0.64 15.08 0.17
N PHE B 46 1.58 15.69 -0.53
CA PHE B 46 2.81 16.20 0.11
C PHE B 46 3.18 17.55 -0.54
N PRO B 47 2.28 18.56 -0.38
CA PRO B 47 2.58 19.85 -0.99
C PRO B 47 3.77 20.52 -0.31
N PRO B 48 4.59 21.26 -1.07
CA PRO B 48 4.46 21.59 -2.48
C PRO B 48 5.24 20.65 -3.41
N PHE B 49 5.65 19.47 -2.91
CA PHE B 49 6.42 18.55 -3.72
C PHE B 49 5.59 17.77 -4.74
N ASN B 50 4.55 17.11 -4.24
CA ASN B 50 3.61 16.34 -5.10
C ASN B 50 2.26 16.36 -4.40
N TYR B 51 1.26 16.92 -5.08
CA TYR B 51 -0.04 17.15 -4.44
C TYR B 51 -1.07 17.43 -5.49
N PHE B 52 -2.35 17.25 -5.12
CA PHE B 52 -3.46 17.53 -6.02
C PHE B 52 -3.93 18.93 -5.71
N ASP B 53 -3.98 19.80 -6.73
CA ASP B 53 -4.43 21.19 -6.51
C ASP B 53 -5.96 21.27 -6.36
N GLU B 54 -6.47 22.50 -6.27
CA GLU B 54 -7.89 22.71 -5.98
C GLU B 54 -8.84 22.40 -7.14
N ARG B 55 -8.30 22.08 -8.32
CA ARG B 55 -9.14 21.57 -9.40
C ARG B 55 -8.76 20.13 -9.73
N ASN B 56 -8.12 19.49 -8.75
CA ASN B 56 -7.89 18.02 -8.72
C ASN B 56 -6.91 17.52 -9.80
N GLN B 57 -5.92 18.36 -10.11
CA GLN B 57 -4.86 18.08 -11.04
C GLN B 57 -3.58 17.89 -10.21
N LEU B 58 -2.81 16.87 -10.56
CA LEU B 58 -1.58 16.59 -9.85
C LEU B 58 -0.52 17.63 -10.19
N THR B 59 0.21 18.12 -9.21
CA THR B 59 1.19 19.19 -9.47
C THR B 59 2.25 19.27 -8.36
N GLY B 60 3.18 20.21 -8.49
CA GLY B 60 4.21 20.34 -7.47
C GLY B 60 5.61 20.34 -8.07
N PHE B 61 6.59 20.65 -7.23
CA PHE B 61 8.00 20.60 -7.64
C PHE B 61 8.39 19.29 -8.36
N GLU B 62 8.03 18.15 -7.79
CA GLU B 62 8.43 16.85 -8.39
C GLU B 62 7.62 16.50 -9.62
N VAL B 63 6.40 17.01 -9.72
CA VAL B 63 5.60 16.81 -10.93
C VAL B 63 6.18 17.60 -12.10
N ASP B 64 6.46 18.88 -11.86
CA ASP B 64 7.20 19.71 -12.85
C ASP B 64 8.53 19.05 -13.27
N LEU B 65 9.29 18.55 -12.30
CA LEU B 65 10.55 17.89 -12.61
C LEU B 65 10.36 16.59 -13.41
N GLY B 66 9.41 15.76 -12.99
CA GLY B 66 9.18 14.49 -13.69
C GLY B 66 8.75 14.72 -15.14
N ASN B 67 7.93 15.75 -15.35
CA ASN B 67 7.44 16.08 -16.70
C ASN B 67 8.60 16.56 -17.58
N ALA B 68 9.45 17.39 -17.00
CA ALA B 68 10.64 17.89 -17.70
C ALA B 68 11.60 16.75 -18.02
N ILE B 69 11.78 15.84 -17.06
CA ILE B 69 12.53 14.59 -17.34
C ILE B 69 11.96 13.79 -18.49
N ALA B 70 10.67 13.48 -18.45
CA ALA B 70 10.02 12.76 -19.57
C ALA B 70 10.30 13.45 -20.90
N GLU B 71 10.16 14.78 -20.90
CA GLU B 71 10.20 15.54 -22.15
C GLU B 71 11.59 15.57 -22.76
N ARG B 72 12.63 15.67 -21.91
CA ARG B 72 14.03 15.59 -22.37
C ARG B 72 14.31 14.20 -22.94
N LEU B 73 13.67 13.17 -22.39
CA LEU B 73 13.87 11.80 -22.87
C LEU B 73 13.06 11.43 -24.13
N GLY B 74 12.17 12.32 -24.55
CA GLY B 74 11.32 12.10 -25.73
C GLY B 74 10.10 11.22 -25.45
N LEU B 75 9.61 11.27 -24.21
CA LEU B 75 8.54 10.37 -23.73
C LEU B 75 7.33 11.11 -23.21
N LYS B 76 6.13 10.61 -23.51
CA LYS B 76 4.90 11.11 -22.93
C LYS B 76 4.75 10.62 -21.46
N PRO B 77 4.70 11.54 -20.50
CA PRO B 77 4.56 11.09 -19.11
C PRO B 77 3.12 10.66 -18.79
N ARG B 78 2.95 9.57 -18.07
CA ARG B 78 1.64 9.13 -17.64
C ARG B 78 1.72 8.95 -16.12
N TRP B 79 0.93 9.70 -15.38
CA TRP B 79 1.10 9.73 -13.91
C TRP B 79 0.11 8.84 -13.22
N ILE B 80 0.53 8.14 -12.18
CA ILE B 80 -0.38 7.37 -11.32
C ILE B 80 -0.14 7.79 -9.87
N ALA B 81 -1.18 8.27 -9.19
CA ALA B 81 -1.09 8.67 -7.75
C ALA B 81 -1.63 7.57 -6.83
N GLN B 82 -0.93 7.29 -5.75
CA GLN B 82 -1.40 6.23 -4.83
C GLN B 82 -0.80 6.46 -3.44
N SER B 83 -1.15 5.61 -2.47
CA SER B 83 -0.70 5.85 -1.10
C SER B 83 0.83 5.71 -0.98
N PHE B 84 1.42 6.57 -0.15
CA PHE B 84 2.87 6.66 -0.04
C PHE B 84 3.48 5.33 0.37
N ASP B 85 2.86 4.67 1.37
CA ASP B 85 3.48 3.48 1.99
C ASP B 85 3.71 2.31 1.02
N THR B 86 2.94 2.20 -0.06
CA THR B 86 3.24 1.10 -1.00
C THR B 86 3.86 1.52 -2.34
N LEU B 87 4.34 2.76 -2.45
CA LEU B 87 4.95 3.20 -3.72
C LEU B 87 6.05 2.28 -4.20
N LEU B 88 6.96 1.90 -3.32
CA LEU B 88 8.12 1.10 -3.70
C LEU B 88 7.77 -0.36 -3.94
N ILE B 89 6.74 -0.84 -3.23
CA ILE B 89 6.18 -2.18 -3.47
C ILE B 89 5.56 -2.26 -4.88
N GLN B 90 4.73 -1.30 -5.24
CA GLN B 90 4.06 -1.34 -6.54
C GLN B 90 5.03 -1.00 -7.68
N LEU B 91 6.05 -0.21 -7.37
CA LEU B 91 7.16 0.00 -8.33
C LEU B 91 7.81 -1.36 -8.71
N ASN B 92 8.16 -2.14 -7.69
CA ASN B 92 8.74 -3.49 -7.90
C ASN B 92 7.81 -4.48 -8.58
N GLN B 93 6.50 -4.29 -8.38
CA GLN B 93 5.47 -5.07 -9.04
C GLN B 93 5.24 -4.68 -10.48
N GLY B 94 5.71 -3.49 -10.86
CA GLY B 94 5.65 -3.02 -12.23
C GLY B 94 4.53 -2.04 -12.58
N ARG B 95 3.94 -1.39 -11.55
CA ARG B 95 2.82 -0.48 -11.82
C ARG B 95 3.27 0.75 -12.61
N PHE B 96 4.51 1.15 -12.39
CA PHE B 96 5.08 2.32 -13.08
C PHE B 96 6.55 2.06 -13.34
N ASP B 97 7.17 2.94 -14.13
CA ASP B 97 8.60 2.77 -14.48
C ASP B 97 9.53 3.36 -13.43
N PHE B 98 9.14 4.51 -12.91
CA PHE B 98 9.83 5.09 -11.73
C PHE B 98 8.89 5.84 -10.79
N VAL B 99 9.40 6.10 -9.58
CA VAL B 99 8.67 6.84 -8.57
C VAL B 99 9.44 8.11 -8.25
N ILE B 100 8.68 9.21 -8.11
CA ILE B 100 9.22 10.47 -7.66
C ILE B 100 8.19 11.03 -6.68
N ALA B 101 8.52 10.92 -5.41
CA ALA B 101 7.59 11.18 -4.32
C ALA B 101 8.33 11.46 -3.03
N SER B 102 9.47 12.15 -3.12
CA SER B 102 10.19 12.70 -1.96
C SER B 102 10.87 11.67 -1.02
N HIS B 103 11.24 10.52 -1.57
CA HIS B 103 11.99 9.50 -0.85
C HIS B 103 13.42 9.91 -0.56
N GLY B 104 13.74 10.12 0.72
CA GLY B 104 15.12 10.24 1.19
C GLY B 104 15.86 8.92 0.95
N ILE B 105 17.15 9.00 0.64
CA ILE B 105 17.92 7.79 0.36
C ILE B 105 18.28 7.23 1.73
N THR B 106 17.93 5.97 1.94
CA THR B 106 18.32 5.23 3.16
C THR B 106 18.91 3.91 2.73
N GLU B 107 19.69 3.31 3.61
CA GLU B 107 20.29 2.03 3.30
C GLU B 107 19.23 0.96 3.19
N GLU B 108 18.22 1.05 4.04
CA GLU B 108 17.12 0.11 4.10
C GLU B 108 16.26 0.18 2.82
N ARG B 109 16.02 1.38 2.31
CA ARG B 109 15.28 1.50 1.04
C ARG B 109 16.08 1.01 -0.16
N ALA B 110 17.38 1.23 -0.15
CA ALA B 110 18.26 0.81 -1.28
C ALA B 110 18.34 -0.72 -1.41
N ARG B 111 17.88 -1.43 -0.39
CA ARG B 111 17.78 -2.88 -0.43
C ARG B 111 16.67 -3.30 -1.37
N ALA B 112 15.65 -2.45 -1.50
CA ALA B 112 14.44 -2.74 -2.23
C ALA B 112 14.41 -2.15 -3.64
N VAL B 113 15.03 -0.97 -3.82
CA VAL B 113 14.95 -0.21 -5.08
C VAL B 113 16.31 0.38 -5.42
N ASP B 114 16.49 0.83 -6.66
CA ASP B 114 17.72 1.56 -6.99
C ASP B 114 17.40 3.05 -7.06
N PHE B 115 18.18 3.87 -6.37
CA PHE B 115 17.95 5.34 -6.36
C PHE B 115 18.81 6.01 -7.42
N THR B 116 18.26 7.05 -8.03
CA THR B 116 19.06 7.97 -8.86
C THR B 116 19.97 8.88 -7.99
N ASN B 117 20.84 9.66 -8.63
CA ASN B 117 21.42 10.82 -7.95
C ASN B 117 20.25 11.63 -7.39
N PRO B 118 20.44 12.30 -6.23
CA PRO B 118 19.32 13.02 -5.62
C PRO B 118 18.86 14.24 -6.39
N HIS B 119 17.54 14.43 -6.46
CA HIS B 119 16.98 15.63 -7.09
C HIS B 119 16.69 16.80 -6.20
N TYR B 120 16.86 16.62 -4.89
CA TYR B 120 16.96 17.76 -3.95
C TYR B 120 17.49 17.31 -2.59
N CYS B 121 17.88 18.29 -1.80
CA CYS B 121 18.35 18.07 -0.44
C CYS B 121 17.47 18.83 0.54
N THR B 122 17.30 18.24 1.73
CA THR B 122 16.37 18.78 2.68
C THR B 122 16.68 18.28 4.09
N GLY B 123 15.73 18.43 4.99
CA GLY B 123 15.80 17.77 6.29
C GLY B 123 14.47 17.77 7.02
N GLY B 124 14.40 16.95 8.05
CA GLY B 124 13.22 16.87 8.89
C GLY B 124 13.33 17.86 10.05
N VAL B 125 12.20 18.53 10.32
CA VAL B 125 12.10 19.56 11.38
C VAL B 125 10.97 19.25 12.38
N ILE B 126 11.17 19.71 13.62
CA ILE B 126 10.15 19.67 14.66
C ILE B 126 9.22 20.85 14.44
N VAL B 127 7.91 20.60 14.37
CA VAL B 127 6.89 21.68 14.30
C VAL B 127 5.93 21.51 15.49
N SER B 128 5.74 22.58 16.25
CA SER B 128 4.87 22.51 17.43
C SER B 128 3.93 23.72 17.42
N ARG B 129 2.96 23.77 18.34
CA ARG B 129 2.23 25.00 18.56
C ARG B 129 3.15 25.99 19.28
N LYS B 130 2.76 27.26 19.32
CA LYS B 130 3.54 28.26 20.06
C LYS B 130 3.69 27.86 21.53
N GLY B 131 4.93 27.90 22.02
CA GLY B 131 5.19 27.46 23.39
C GLY B 131 5.59 26.00 23.50
N GLY B 132 5.47 25.25 22.40
CA GLY B 132 5.70 23.80 22.43
C GLY B 132 7.15 23.41 22.21
N PRO B 133 7.40 22.09 22.09
CA PRO B 133 8.76 21.57 21.95
C PRO B 133 9.53 22.19 20.77
N ARG B 134 10.81 22.49 20.98
CA ARG B 134 11.66 23.05 19.93
C ARG B 134 12.75 22.05 19.56
N THR B 135 13.17 21.26 20.54
CA THR B 135 14.35 20.41 20.41
C THR B 135 13.96 18.96 20.66
N ALA B 136 14.83 18.03 20.27
CA ALA B 136 14.63 16.61 20.51
C ALA B 136 14.53 16.27 22.01
N LYS B 137 15.33 16.95 22.83
CA LYS B 137 15.24 16.82 24.30
C LYS B 137 13.86 17.23 24.81
N ASP B 138 13.29 18.27 24.21
CA ASP B 138 11.95 18.76 24.54
C ASP B 138 10.83 17.78 24.22
N LEU B 139 11.11 16.76 23.42
CA LEU B 139 10.10 15.78 23.05
C LEU B 139 9.87 14.71 24.10
N GLN B 140 10.76 14.66 25.10
CA GLN B 140 10.61 13.72 26.24
C GLN B 140 9.24 13.87 26.91
N GLY B 141 8.55 12.75 27.05
CA GLY B 141 7.17 12.70 27.60
C GLY B 141 6.09 13.31 26.71
N LYS B 142 6.40 13.55 25.43
CA LYS B 142 5.47 14.20 24.50
C LYS B 142 4.89 13.23 23.47
N VAL B 143 3.80 13.64 22.84
CA VAL B 143 3.15 12.89 21.77
C VAL B 143 3.54 13.52 20.43
N VAL B 144 4.15 12.69 19.58
CA VAL B 144 4.77 13.12 18.33
C VAL B 144 4.11 12.43 17.13
N GLY B 145 3.68 13.23 16.14
CA GLY B 145 2.94 12.73 14.99
C GLY B 145 3.81 12.68 13.74
N VAL B 146 3.76 11.56 13.03
CA VAL B 146 4.59 11.37 11.82
C VAL B 146 3.81 10.61 10.76
N GLN B 147 4.24 10.67 9.50
CA GLN B 147 3.59 9.92 8.45
C GLN B 147 4.18 8.50 8.39
N VAL B 148 3.32 7.49 8.17
CA VAL B 148 3.78 6.08 7.98
C VAL B 148 4.93 5.92 6.95
N GLY B 149 5.91 5.08 7.28
CA GLY B 149 6.94 4.63 6.33
C GLY B 149 7.95 5.71 6.01
N THR B 150 7.94 6.80 6.77
CA THR B 150 8.82 7.94 6.50
C THR B 150 10.09 7.93 7.32
N THR B 151 11.09 8.67 6.85
CA THR B 151 12.28 8.90 7.64
C THR B 151 11.95 9.66 8.95
N TYR B 152 10.85 10.42 8.98
CA TYR B 152 10.40 11.16 10.21
C TYR B 152 9.93 10.16 11.26
N MET B 153 9.20 9.14 10.84
CA MET B 153 8.80 8.03 11.73
C MET B 153 10.02 7.27 12.25
N GLU B 154 10.95 6.97 11.34
CA GLU B 154 12.20 6.34 11.75
C GLU B 154 12.98 7.20 12.77
N ALA B 155 13.02 8.51 12.57
CA ALA B 155 13.67 9.42 13.52
C ALA B 155 12.98 9.43 14.89
N ALA B 156 11.65 9.64 14.89
CA ALA B 156 10.80 9.60 16.11
C ALA B 156 10.90 8.31 16.93
N GLN B 157 11.03 7.18 16.26
CA GLN B 157 11.18 5.89 16.95
C GLN B 157 12.53 5.75 17.65
N LYS B 158 13.48 6.63 17.31
CA LYS B 158 14.84 6.60 17.86
C LYS B 158 15.13 7.68 18.93
N ILE B 159 14.38 8.79 18.92
CA ILE B 159 14.55 9.86 19.91
C ILE B 159 14.10 9.38 21.32
N PRO B 160 15.00 9.49 22.33
CA PRO B 160 14.73 8.89 23.66
C PRO B 160 13.62 9.57 24.46
N GLY B 161 12.74 8.76 25.04
CA GLY B 161 11.76 9.22 26.02
C GLY B 161 10.51 9.88 25.48
N ILE B 162 10.29 9.81 24.17
CA ILE B 162 9.01 10.23 23.60
C ILE B 162 7.94 9.34 24.21
N LYS B 163 6.84 9.96 24.64
CA LYS B 163 5.75 9.22 25.27
C LYS B 163 5.00 8.36 24.24
N GLU B 164 4.70 8.95 23.09
CA GLU B 164 4.01 8.22 22.05
C GLU B 164 4.35 8.78 20.68
N VAL B 165 4.64 7.89 19.74
CA VAL B 165 4.71 8.22 18.32
C VAL B 165 3.36 7.80 17.72
N ARG B 166 2.61 8.78 17.19
CA ARG B 166 1.32 8.52 16.55
C ARG B 166 1.58 8.60 15.06
N THR B 167 1.20 7.55 14.35
CA THR B 167 1.52 7.41 12.93
C THR B 167 0.28 7.59 12.05
N TYR B 168 0.40 8.43 11.02
CA TYR B 168 -0.72 8.83 10.14
C TYR B 168 -0.49 8.35 8.71
N GLN B 169 -1.55 7.98 8.00
CA GLN B 169 -1.39 7.53 6.62
C GLN B 169 -0.87 8.63 5.67
N ARG B 170 -1.29 9.87 5.93
CA ARG B 170 -1.01 11.02 5.09
C ARG B 170 -0.50 12.16 6.00
N ASP B 171 0.57 12.81 5.54
CA ASP B 171 1.26 13.82 6.33
C ASP B 171 0.38 15.01 6.76
N PRO B 172 -0.47 15.52 5.87
CA PRO B 172 -1.38 16.62 6.27
C PRO B 172 -2.29 16.31 7.47
N ASP B 173 -2.62 15.03 7.64
CA ASP B 173 -3.44 14.62 8.80
C ASP B 173 -2.71 14.76 10.15
N ALA B 174 -1.39 14.56 10.18
CA ALA B 174 -0.59 14.83 11.38
C ALA B 174 -0.62 16.33 11.67
N LEU B 175 -0.51 17.17 10.63
CA LEU B 175 -0.71 18.62 10.78
C LEU B 175 -2.09 19.01 11.39
N GLN B 176 -3.18 18.49 10.83
CA GLN B 176 -4.51 18.68 11.43
C GLN B 176 -4.55 18.31 12.94
N ASP B 177 -3.99 17.14 13.32
CA ASP B 177 -3.99 16.74 14.73
C ASP B 177 -3.16 17.64 15.64
N LEU B 178 -2.10 18.21 15.08
CA LEU B 178 -1.32 19.19 15.82
C LEU B 178 -2.13 20.49 16.05
N LEU B 179 -2.83 20.96 15.02
CA LEU B 179 -3.73 22.13 15.16
C LEU B 179 -4.86 21.82 16.14
N ALA B 180 -5.37 20.58 16.13
CA ALA B 180 -6.46 20.18 17.02
C ALA B 180 -6.02 19.99 18.46
N GLY B 181 -4.71 19.88 18.67
CA GLY B 181 -4.17 19.69 20.01
C GLY B 181 -4.10 18.25 20.49
N ARG B 182 -4.22 17.30 19.55
CA ARG B 182 -4.17 15.87 19.87
C ARG B 182 -2.75 15.30 19.90
N ILE B 183 -1.79 16.04 19.35
CA ILE B 183 -0.38 15.73 19.47
C ILE B 183 0.36 17.01 19.86
N ASP B 184 1.57 16.85 20.38
CA ASP B 184 2.41 17.98 20.78
C ASP B 184 3.27 18.53 19.66
N THR B 185 3.73 17.62 18.80
CA THR B 185 4.71 17.94 17.79
C THR B 185 4.47 17.12 16.50
N TRP B 186 4.80 17.73 15.37
CA TRP B 186 4.75 17.11 14.03
C TRP B 186 6.14 17.13 13.48
N ILE B 187 6.67 15.98 13.09
CA ILE B 187 7.98 15.95 12.43
C ILE B 187 7.75 15.74 10.94
N THR B 188 8.27 16.64 10.11
CA THR B 188 8.03 16.62 8.65
C THR B 188 9.16 17.32 7.90
N ASP B 189 9.04 17.44 6.58
CA ASP B 189 10.04 18.12 5.73
C ASP B 189 10.09 19.61 6.04
N ARG B 190 11.29 20.20 6.06
CA ARG B 190 11.45 21.62 6.36
C ARG B 190 10.68 22.56 5.42
N PHE B 191 10.66 22.26 4.11
CA PHE B 191 9.94 23.09 3.13
C PHE B 191 8.44 22.87 3.19
N VAL B 192 8.02 21.64 3.45
CA VAL B 192 6.60 21.35 3.66
C VAL B 192 6.06 22.18 4.84
N ALA B 193 6.84 22.22 5.91
CA ALA B 193 6.41 22.95 7.12
C ALA B 193 6.30 24.47 6.88
N LYS B 194 7.32 25.05 6.24
CA LYS B 194 7.34 26.45 5.82
C LYS B 194 6.11 26.83 4.98
N GLU B 195 5.81 26.06 3.94
CA GLU B 195 4.63 26.36 3.13
C GLU B 195 3.28 26.15 3.83
N ALA B 196 3.16 25.12 4.67
CA ALA B 196 1.89 24.86 5.33
C ALA B 196 1.52 26.05 6.23
N ILE B 197 2.54 26.58 6.92
CA ILE B 197 2.37 27.74 7.80
C ILE B 197 1.98 28.99 7.01
N LYS B 198 2.70 29.26 5.91
CA LYS B 198 2.32 30.36 5.01
C LYS B 198 0.89 30.24 4.47
N GLU B 199 0.57 29.06 3.96
CA GLU B 199 -0.64 28.82 3.17
C GLU B 199 -1.90 28.85 4.05
N ARG B 200 -1.79 28.34 5.27
CA ARG B 200 -2.91 28.34 6.21
C ARG B 200 -2.85 29.54 7.16
N LYS B 201 -1.87 30.41 6.97
CA LYS B 201 -1.71 31.61 7.81
C LYS B 201 -1.57 31.26 9.30
N LEU B 202 -0.55 30.46 9.60
CA LEU B 202 -0.41 29.87 10.94
C LEU B 202 0.81 30.42 11.66
N GLU B 203 1.28 31.57 11.20
CA GLU B 203 2.44 32.24 11.78
C GLU B 203 2.27 32.67 13.25
N ASN B 204 1.02 32.84 13.70
CA ASN B 204 0.71 33.16 15.11
C ASN B 204 0.23 31.93 15.90
N THR B 205 0.29 30.76 15.26
CA THR B 205 -0.21 29.52 15.86
C THR B 205 0.89 28.47 16.00
N LEU B 206 1.65 28.25 14.92
CA LEU B 206 2.71 27.24 14.91
C LEU B 206 4.10 27.85 14.91
N GLN B 207 5.08 27.02 15.21
CA GLN B 207 6.46 27.42 15.45
C GLN B 207 7.39 26.30 14.94
N VAL B 208 8.32 26.66 14.06
CA VAL B 208 9.30 25.69 13.55
C VAL B 208 10.51 25.60 14.50
N GLY B 209 10.83 24.40 14.94
CA GLY B 209 11.99 24.16 15.83
C GLY B 209 13.22 23.62 15.13
N GLU B 210 13.97 22.77 15.82
CA GLU B 210 15.24 22.28 15.29
C GLU B 210 15.09 21.34 14.10
N LEU B 211 16.09 21.41 13.23
CA LEU B 211 16.30 20.43 12.16
C LEU B 211 16.82 19.15 12.82
N VAL B 212 16.04 18.07 12.78
CA VAL B 212 16.41 16.81 13.44
C VAL B 212 17.35 15.90 12.65
N PHE B 213 17.32 15.97 11.32
CA PHE B 213 18.28 15.27 10.47
C PHE B 213 18.26 15.88 9.08
N GLN B 214 19.27 15.57 8.29
CA GLN B 214 19.30 15.95 6.89
C GLN B 214 19.25 14.72 5.98
N GLU B 215 18.66 14.87 4.79
CA GLU B 215 18.59 13.75 3.83
C GLU B 215 18.69 14.23 2.39
N ARG B 216 19.13 13.33 1.53
CA ARG B 216 19.18 13.57 0.10
C ARG B 216 18.02 12.80 -0.51
N VAL B 217 17.19 13.47 -1.29
CA VAL B 217 15.97 12.86 -1.84
C VAL B 217 16.16 12.50 -3.32
N ALA B 218 15.65 11.34 -3.74
CA ALA B 218 15.93 10.83 -5.10
C ALA B 218 14.74 10.09 -5.72
N MET B 219 14.80 9.87 -7.03
CA MET B 219 13.83 9.02 -7.73
C MET B 219 14.20 7.57 -7.52
N ALA B 220 13.22 6.67 -7.67
CA ALA B 220 13.49 5.22 -7.53
C ALA B 220 13.02 4.46 -8.74
N VAL B 221 13.81 3.45 -9.12
CA VAL B 221 13.40 2.48 -10.12
C VAL B 221 13.38 1.09 -9.45
N ALA B 222 12.61 0.16 -10.01
CA ALA B 222 12.66 -1.25 -9.58
C ALA B 222 14.09 -1.77 -9.52
N LYS B 223 14.38 -2.54 -8.46
CA LYS B 223 15.72 -3.11 -8.23
C LYS B 223 16.21 -3.82 -9.48
N GLY B 224 17.40 -3.44 -9.95
CA GLY B 224 18.00 -4.08 -11.13
C GLY B 224 17.69 -3.43 -12.46
N ASN B 225 16.86 -2.38 -12.47
CA ASN B 225 16.50 -1.73 -13.73
C ASN B 225 17.56 -0.69 -14.13
N LYS B 226 18.75 -1.17 -14.47
CA LYS B 226 19.89 -0.28 -14.70
C LYS B 226 19.78 0.59 -15.96
N SER B 227 19.15 0.07 -17.03
CA SER B 227 18.97 0.87 -18.25
C SER B 227 18.14 2.13 -17.97
N LEU B 228 17.02 1.97 -17.25
CA LEU B 228 16.20 3.14 -16.92
C LEU B 228 16.93 4.07 -15.93
N LEU B 229 17.63 3.49 -14.95
CA LEU B 229 18.40 4.27 -13.97
C LEU B 229 19.37 5.23 -14.67
N ASP B 230 20.09 4.70 -15.66
CA ASP B 230 21.02 5.53 -16.45
C ASP B 230 20.32 6.68 -17.20
N ALA B 231 19.18 6.39 -17.83
CA ALA B 231 18.42 7.42 -18.57
C ALA B 231 17.92 8.50 -17.64
N LEU B 232 17.40 8.09 -16.48
CA LEU B 232 16.94 9.06 -15.50
C LEU B 232 18.05 9.96 -14.98
N ASN B 233 19.19 9.36 -14.59
CA ASN B 233 20.35 10.12 -14.14
C ASN B 233 20.80 11.11 -15.22
N ARG B 234 20.85 10.64 -16.47
CA ARG B 234 21.30 11.51 -17.60
C ARG B 234 20.40 12.75 -17.73
N ALA B 235 19.09 12.52 -17.77
CA ALA B 235 18.16 13.66 -17.84
C ALA B 235 18.26 14.62 -16.64
N LEU B 236 18.34 14.09 -15.43
CA LEU B 236 18.45 14.94 -14.25
C LEU B 236 19.69 15.85 -14.36
N ALA B 237 20.84 15.26 -14.74
CA ALA B 237 22.10 16.05 -14.93
C ALA B 237 21.93 17.10 -16.01
N GLU B 238 21.32 16.73 -17.13
CA GLU B 238 21.04 17.70 -18.20
C GLU B 238 20.14 18.86 -17.76
N LEU B 239 19.10 18.58 -16.95
CA LEU B 239 18.25 19.63 -16.40
C LEU B 239 19.01 20.56 -15.49
N MET B 240 19.91 20.00 -14.70
CA MET B 240 20.75 20.82 -13.85
C MET B 240 21.69 21.69 -14.67
N GLN B 241 22.17 21.17 -15.78
CA GLN B 241 23.11 21.91 -16.59
C GLN B 241 22.44 23.04 -17.41
N ASP B 242 21.24 22.79 -17.95
CA ASP B 242 20.64 23.71 -18.93
C ASP B 242 19.73 24.79 -18.35
N GLY B 243 19.64 24.87 -17.02
CA GLY B 243 18.86 25.90 -16.35
C GLY B 243 17.43 25.47 -15.94
N THR B 244 16.96 24.33 -16.45
CA THR B 244 15.57 23.90 -16.18
C THR B 244 15.40 23.61 -14.72
N TYR B 245 16.38 22.91 -14.14
CA TYR B 245 16.31 22.60 -12.71
C TYR B 245 16.20 23.88 -11.87
N ALA B 246 17.08 24.85 -12.11
CA ALA B 246 16.98 26.11 -11.35
C ALA B 246 15.67 26.87 -11.56
N ARG B 247 15.12 26.86 -12.79
CA ARG B 247 13.81 27.49 -13.04
C ARG B 247 12.65 26.86 -12.24
N ILE B 248 12.58 25.54 -12.22
CA ILE B 248 11.56 24.81 -11.45
C ILE B 248 11.76 24.99 -9.95
N SER B 249 13.02 24.98 -9.50
CA SER B 249 13.30 25.17 -8.07
C SER B 249 12.90 26.60 -7.63
N GLN B 250 13.18 27.60 -8.47
CA GLN B 250 12.81 28.99 -8.15
C GLN B 250 11.28 29.17 -8.14
N LYS B 251 10.61 28.51 -9.08
CA LYS B 251 9.15 28.52 -9.17
C LYS B 251 8.45 28.05 -7.87
N TRP B 252 8.93 26.94 -7.29
CA TRP B 252 8.32 26.35 -6.11
C TRP B 252 8.82 26.85 -4.77
N PHE B 253 10.05 27.34 -4.71
CA PHE B 253 10.69 27.64 -3.40
C PHE B 253 11.37 29.01 -3.29
N GLY B 254 11.55 29.69 -4.42
CA GLY B 254 12.25 30.97 -4.46
C GLY B 254 13.74 30.84 -4.15
N GLU B 255 14.25 29.60 -4.22
CA GLU B 255 15.64 29.29 -3.91
C GLU B 255 16.02 28.01 -4.62
N ASP B 256 17.31 27.73 -4.75
CA ASP B 256 17.81 26.51 -5.39
C ASP B 256 18.02 25.37 -4.39
N VAL B 257 17.16 24.35 -4.47
CA VAL B 257 17.17 23.30 -3.46
C VAL B 257 18.07 22.09 -3.78
N ARG B 258 18.94 22.20 -4.79
CA ARG B 258 19.78 21.02 -5.15
C ARG B 258 20.78 20.70 -4.06
N CYS B 259 21.23 19.43 -4.00
CA CYS B 259 22.29 19.02 -3.06
C CYS B 259 23.60 19.69 -3.46
N LYS B 260 24.39 20.12 -2.48
CA LYS B 260 25.66 20.81 -2.77
C LYS B 260 26.77 20.29 -1.87
N ARG C . -6.58 -15.87 -2.29
CA ARG C . -5.92 -14.80 -3.17
C ARG C . -4.47 -14.53 -2.76
O ARG C . -3.78 -13.69 -3.33
CB ARG C . -6.70 -13.50 -3.17
CG ARG C . -6.77 -12.72 -1.88
CD ARG C . -7.37 -11.33 -2.16
NE ARG C . -7.85 -10.78 -0.91
CZ ARG C . -8.61 -9.69 -0.78
NH1 ARG C . -8.98 -9.30 0.45
NH2 ARG C . -8.98 -8.99 -1.85
OXT ARG C . -3.97 -15.19 -1.87
S SO4 D . -24.57 -7.19 1.16
O1 SO4 D . -23.32 -6.50 0.71
O2 SO4 D . -25.34 -7.39 -0.09
O3 SO4 D . -25.22 -6.35 2.18
O4 SO4 D . -24.37 -8.52 1.79
S SO4 E . -11.96 -27.15 -25.12
O1 SO4 E . -12.83 -26.98 -26.31
O2 SO4 E . -10.53 -27.11 -25.53
O3 SO4 E . -12.21 -28.45 -24.47
O4 SO4 E . -12.26 -26.05 -24.17
N ARG F . 11.28 12.78 2.85
CA ARG F . 10.50 11.88 3.77
C ARG F . 10.95 10.44 3.61
O ARG F . 11.87 10.16 2.82
CB ARG F . 9.00 12.00 3.55
CG ARG F . 8.52 11.63 2.19
CD ARG F . 6.99 11.46 2.22
NE ARG F . 6.52 11.58 0.85
CZ ARG F . 5.25 11.75 0.48
NH1 ARG F . 4.29 11.87 1.40
NH2 ARG F . 4.96 11.86 -0.82
OXT ARG F . 10.40 9.52 4.27
S SO4 G . 20.52 14.66 -25.15
O1 SO4 G . 19.05 14.82 -24.97
O2 SO4 G . 20.79 14.15 -26.52
O3 SO4 G . 21.04 13.64 -24.20
O4 SO4 G . 21.20 15.97 -24.96
S SO4 H . 18.25 -3.63 -17.94
O1 SO4 H . 17.43 -2.45 -17.61
O2 SO4 H . 18.66 -3.62 -19.38
O3 SO4 H . 17.47 -4.87 -17.68
O4 SO4 H . 19.42 -3.64 -17.02
#